data_1WQB
#
_entry.id   1WQB
#
_entity_poly.entity_id   1
_entity_poly.type   'polypeptide(L)'
_entity_poly.pdbx_seq_one_letter_code
;WLGCARVKEACGPWEWPCCSGLKCDGSECHPQ
;
_entity_poly.pdbx_strand_id   A
#
# COMPACT_ATOMS: atom_id res chain seq x y z
N TRP A 1 3.91 -11.37 -11.39
CA TRP A 1 2.53 -10.80 -11.30
C TRP A 1 1.79 -11.44 -10.12
N LEU A 2 1.92 -10.87 -8.95
CA LEU A 2 1.24 -11.45 -7.77
C LEU A 2 -0.03 -10.65 -7.45
N GLY A 3 0.10 -9.38 -7.21
CA GLY A 3 -1.09 -8.55 -6.90
C GLY A 3 -0.65 -7.16 -6.44
N CYS A 4 -0.88 -6.84 -5.19
CA CYS A 4 -0.48 -5.49 -4.68
C CYS A 4 -0.17 -5.56 -3.19
N ALA A 5 0.29 -4.48 -2.61
CA ALA A 5 0.61 -4.49 -1.16
C ALA A 5 -0.68 -4.67 -0.33
N ARG A 6 -0.56 -4.79 0.96
CA ARG A 6 -1.77 -4.97 1.82
C ARG A 6 -1.85 -3.89 2.89
N VAL A 7 -2.67 -4.09 3.90
CA VAL A 7 -2.79 -3.07 4.99
C VAL A 7 -1.69 -3.30 6.03
N LYS A 8 -0.68 -4.05 5.70
CA LYS A 8 0.42 -4.30 6.65
C LYS A 8 1.74 -4.41 5.89
N GLU A 9 1.74 -4.04 4.63
CA GLU A 9 2.99 -4.13 3.82
C GLU A 9 3.63 -2.75 3.70
N ALA A 10 4.92 -2.73 3.57
CA ALA A 10 5.64 -1.44 3.45
C ALA A 10 5.54 -0.90 2.03
N CYS A 11 4.97 0.25 1.86
CA CYS A 11 4.83 0.83 0.49
C CYS A 11 5.36 2.27 0.46
N GLY A 12 5.11 2.99 -0.59
CA GLY A 12 5.61 4.39 -0.67
C GLY A 12 4.88 5.12 -1.81
N PRO A 13 5.48 6.19 -2.25
CA PRO A 13 4.89 7.00 -3.35
C PRO A 13 5.01 6.26 -4.68
N TRP A 14 6.19 5.83 -5.03
CA TRP A 14 6.38 5.10 -6.31
C TRP A 14 7.35 3.94 -6.11
N GLU A 15 7.30 3.31 -4.96
CA GLU A 15 8.22 2.16 -4.70
C GLU A 15 7.41 0.86 -4.64
N TRP A 16 6.19 0.94 -4.20
CA TRP A 16 5.34 -0.28 -4.12
C TRP A 16 3.87 0.10 -4.34
N PRO A 17 3.35 -0.28 -5.46
CA PRO A 17 1.94 0.03 -5.79
C PRO A 17 0.99 -0.80 -4.93
N CYS A 18 0.21 -0.16 -4.09
CA CYS A 18 -0.73 -0.90 -3.22
C CYS A 18 -2.03 -1.20 -3.99
N CYS A 19 -2.91 -1.96 -3.40
CA CYS A 19 -4.19 -2.28 -4.10
C CYS A 19 -5.03 -1.01 -4.25
N SER A 20 -6.26 -1.16 -4.67
CA SER A 20 -7.14 0.04 -4.83
C SER A 20 -7.90 0.32 -3.53
N GLY A 21 -7.62 1.43 -2.91
CA GLY A 21 -8.33 1.77 -1.63
C GLY A 21 -7.32 1.81 -0.49
N LEU A 22 -6.08 1.49 -0.76
CA LEU A 22 -5.05 1.52 0.32
C LEU A 22 -4.01 2.60 0.05
N LYS A 23 -3.88 3.56 0.93
CA LYS A 23 -2.88 4.64 0.72
C LYS A 23 -1.77 4.54 1.77
N CYS A 24 -0.54 4.64 1.36
CA CYS A 24 0.59 4.56 2.32
C CYS A 24 0.39 5.57 3.45
N ASP A 25 -0.07 5.13 4.59
CA ASP A 25 -0.28 6.08 5.73
C ASP A 25 1.02 6.27 6.51
N GLY A 26 2.05 6.74 5.87
CA GLY A 26 3.34 6.95 6.57
C GLY A 26 4.35 5.89 6.13
N SER A 27 3.99 4.65 6.21
CA SER A 27 4.94 3.56 5.79
C SER A 27 4.17 2.28 5.49
N GLU A 28 3.14 1.99 6.24
CA GLU A 28 2.36 0.75 6.00
C GLU A 28 1.01 1.10 5.35
N CYS A 29 0.72 0.51 4.22
CA CYS A 29 -0.57 0.79 3.53
C CYS A 29 -1.73 0.70 4.53
N HIS A 30 -2.62 1.65 4.52
CA HIS A 30 -3.77 1.59 5.46
C HIS A 30 -5.08 1.43 4.69
N PRO A 31 -6.12 1.08 5.40
CA PRO A 31 -7.45 0.88 4.79
C PRO A 31 -8.16 2.23 4.60
N GLN A 32 -7.46 3.23 4.13
CA GLN A 32 -8.10 4.55 3.92
C GLN A 32 -8.85 4.99 5.19
N TRP A 1 -7.20 -8.92 -0.07
CA TRP A 1 -6.53 -8.09 -1.11
C TRP A 1 -5.39 -8.89 -1.76
N LEU A 2 -5.60 -9.39 -2.94
CA LEU A 2 -4.53 -10.18 -3.61
C LEU A 2 -4.30 -9.64 -5.03
N GLY A 3 -3.09 -9.27 -5.34
CA GLY A 3 -2.81 -8.73 -6.70
C GLY A 3 -2.11 -7.37 -6.59
N CYS A 4 -1.78 -6.97 -5.39
CA CYS A 4 -1.10 -5.65 -5.20
C CYS A 4 -0.42 -5.60 -3.84
N ALA A 5 -0.07 -4.43 -3.37
CA ALA A 5 0.61 -4.33 -2.05
C ALA A 5 -0.37 -4.69 -0.93
N ARG A 6 0.13 -4.87 0.27
CA ARG A 6 -0.76 -5.22 1.41
C ARG A 6 -0.64 -4.16 2.51
N VAL A 7 -1.49 -4.21 3.49
CA VAL A 7 -1.42 -3.22 4.60
C VAL A 7 -0.05 -3.27 5.28
N LYS A 8 0.23 -4.32 5.98
CA LYS A 8 1.54 -4.44 6.67
C LYS A 8 2.71 -4.09 5.75
N GLU A 9 2.51 -4.10 4.45
CA GLU A 9 3.61 -3.76 3.51
C GLU A 9 3.83 -2.26 3.45
N ALA A 10 5.06 -1.85 3.50
CA ALA A 10 5.38 -0.40 3.46
C ALA A 10 5.60 0.06 2.01
N CYS A 11 4.70 0.86 1.49
CA CYS A 11 4.86 1.36 0.10
C CYS A 11 5.02 2.88 0.07
N GLY A 12 4.75 3.50 -1.05
CA GLY A 12 4.89 4.99 -1.12
C GLY A 12 5.92 5.33 -2.21
N PRO A 13 6.87 6.15 -1.85
CA PRO A 13 7.93 6.55 -2.80
C PRO A 13 9.00 5.47 -2.91
N TRP A 14 8.74 4.30 -2.40
CA TRP A 14 9.74 3.20 -2.46
C TRP A 14 9.24 2.03 -3.33
N GLU A 15 7.95 1.86 -3.44
CA GLU A 15 7.43 0.73 -4.25
C GLU A 15 6.07 1.08 -4.89
N TRP A 16 5.34 0.09 -5.31
CA TRP A 16 4.01 0.35 -5.94
C TRP A 16 2.99 0.81 -4.89
N PRO A 17 1.88 1.31 -5.36
CA PRO A 17 0.81 1.80 -4.45
C PRO A 17 0.16 0.63 -3.70
N CYS A 18 -0.97 0.87 -3.08
CA CYS A 18 -1.66 -0.21 -2.33
C CYS A 18 -2.87 -0.71 -3.11
N CYS A 19 -3.37 -1.87 -2.76
CA CYS A 19 -4.56 -2.42 -3.47
C CYS A 19 -5.66 -1.35 -3.57
N SER A 20 -6.70 -1.63 -4.29
CA SER A 20 -7.81 -0.63 -4.43
C SER A 20 -8.48 -0.43 -3.07
N GLY A 21 -8.62 0.80 -2.65
CA GLY A 21 -9.27 1.06 -1.33
C GLY A 21 -8.20 1.24 -0.26
N LEU A 22 -6.95 1.05 -0.62
CA LEU A 22 -5.86 1.20 0.38
C LEU A 22 -4.86 2.27 -0.10
N LYS A 23 -4.24 2.97 0.81
CA LYS A 23 -3.26 4.01 0.40
C LYS A 23 -2.22 4.21 1.49
N CYS A 24 -0.96 4.17 1.14
CA CYS A 24 0.11 4.35 2.16
C CYS A 24 -0.09 5.68 2.89
N ASP A 25 -0.41 5.62 4.16
CA ASP A 25 -0.62 6.87 4.93
C ASP A 25 0.68 7.34 5.58
N GLY A 26 1.81 6.92 5.06
CA GLY A 26 3.11 7.33 5.65
C GLY A 26 4.12 6.19 5.52
N SER A 27 3.66 4.97 5.60
CA SER A 27 4.59 3.81 5.48
C SER A 27 3.84 2.59 4.98
N GLU A 28 3.12 1.93 5.84
CA GLU A 28 2.36 0.72 5.42
C GLU A 28 1.07 1.13 4.71
N CYS A 29 0.47 0.23 3.98
CA CYS A 29 -0.79 0.58 3.26
C CYS A 29 -1.95 0.65 4.25
N HIS A 30 -2.46 1.82 4.51
CA HIS A 30 -3.58 1.96 5.48
C HIS A 30 -4.92 1.78 4.76
N PRO A 31 -5.91 1.36 5.51
CA PRO A 31 -7.27 1.16 4.95
C PRO A 31 -7.92 2.51 4.65
N GLN A 32 -7.66 3.05 3.49
CA GLN A 32 -8.26 4.37 3.13
C GLN A 32 -9.72 4.44 3.59
N TRP A 1 -5.11 -10.10 -6.73
CA TRP A 1 -5.07 -9.88 -8.20
C TRP A 1 -3.67 -9.47 -8.64
N LEU A 2 -3.12 -10.13 -9.62
CA LEU A 2 -1.74 -9.78 -10.08
C LEU A 2 -0.79 -9.70 -8.87
N GLY A 3 -0.62 -8.53 -8.31
CA GLY A 3 0.30 -8.40 -7.15
C GLY A 3 0.21 -6.97 -6.60
N CYS A 4 -0.26 -6.82 -5.39
CA CYS A 4 -0.35 -5.46 -4.79
C CYS A 4 -0.17 -5.53 -3.27
N ALA A 5 0.42 -4.52 -2.70
CA ALA A 5 0.63 -4.52 -1.23
C ALA A 5 -0.71 -4.68 -0.50
N ARG A 6 -0.69 -5.08 0.75
CA ARG A 6 -1.95 -5.26 1.51
C ARG A 6 -2.04 -4.24 2.65
N VAL A 7 -2.91 -4.47 3.60
CA VAL A 7 -3.03 -3.51 4.74
C VAL A 7 -2.03 -3.86 5.83
N LYS A 8 -0.77 -3.88 5.51
CA LYS A 8 0.27 -4.20 6.51
C LYS A 8 1.63 -4.36 5.84
N GLU A 9 1.88 -3.61 4.80
CA GLU A 9 3.20 -3.71 4.11
C GLU A 9 3.72 -2.33 3.76
N ALA A 10 4.89 -2.03 4.23
CA ALA A 10 5.49 -0.71 3.95
C ALA A 10 5.54 -0.45 2.45
N CYS A 11 4.66 0.38 1.94
CA CYS A 11 4.67 0.65 0.47
C CYS A 11 5.32 2.01 0.17
N GLY A 12 5.04 2.56 -0.97
CA GLY A 12 5.64 3.88 -1.33
C GLY A 12 4.99 4.41 -2.61
N PRO A 13 5.05 5.70 -2.78
CA PRO A 13 4.46 6.33 -3.98
C PRO A 13 5.31 6.02 -5.22
N TRP A 14 6.60 5.92 -5.06
CA TRP A 14 7.48 5.63 -6.23
C TRP A 14 7.98 4.18 -6.18
N GLU A 15 7.64 3.46 -5.15
CA GLU A 15 8.09 2.05 -5.04
C GLU A 15 6.92 1.08 -5.28
N TRP A 16 7.03 -0.13 -4.81
CA TRP A 16 5.92 -1.11 -5.01
C TRP A 16 4.58 -0.42 -4.79
N PRO A 17 3.68 -0.62 -5.72
CA PRO A 17 2.34 0.00 -5.64
C PRO A 17 1.50 -0.68 -4.56
N CYS A 18 0.26 -0.33 -4.46
CA CYS A 18 -0.62 -0.95 -3.43
C CYS A 18 -2.05 -1.05 -3.97
N CYS A 19 -2.73 -2.15 -3.76
CA CYS A 19 -4.11 -2.28 -4.27
C CYS A 19 -4.88 -0.99 -3.98
N SER A 20 -5.87 -0.69 -4.79
CA SER A 20 -6.66 0.55 -4.55
C SER A 20 -7.49 0.43 -3.27
N GLY A 21 -7.89 1.53 -2.70
CA GLY A 21 -8.71 1.47 -1.46
C GLY A 21 -7.82 1.72 -0.23
N LEU A 22 -6.54 1.57 -0.36
CA LEU A 22 -5.64 1.80 0.81
C LEU A 22 -4.74 3.01 0.57
N LYS A 23 -4.04 3.45 1.58
CA LYS A 23 -3.15 4.63 1.42
C LYS A 23 -2.04 4.60 2.48
N CYS A 24 -0.81 4.44 2.08
CA CYS A 24 0.29 4.40 3.07
C CYS A 24 0.32 5.71 3.88
N ASP A 25 -0.38 5.75 4.98
CA ASP A 25 -0.41 6.98 5.81
C ASP A 25 0.77 6.98 6.79
N GLY A 26 1.97 6.96 6.28
CA GLY A 26 3.16 6.95 7.18
C GLY A 26 4.20 5.99 6.62
N SER A 27 3.86 4.74 6.48
CA SER A 27 4.83 3.75 5.93
C SER A 27 4.10 2.52 5.41
N GLU A 28 3.21 1.97 6.18
CA GLU A 28 2.46 0.76 5.73
C GLU A 28 1.15 1.15 5.04
N CYS A 29 0.69 0.34 4.12
CA CYS A 29 -0.58 0.67 3.41
C CYS A 29 -1.77 0.55 4.37
N HIS A 30 -2.38 1.65 4.72
CA HIS A 30 -3.54 1.59 5.66
C HIS A 30 -4.85 1.35 4.88
N PRO A 31 -5.87 1.02 5.61
CA PRO A 31 -7.20 0.76 4.99
C PRO A 31 -7.89 2.08 4.63
N GLN A 32 -7.20 3.18 4.74
CA GLN A 32 -7.84 4.48 4.41
C GLN A 32 -6.81 5.61 4.41
N TRP A 1 -5.01 -8.82 -6.83
CA TRP A 1 -4.03 -9.77 -7.45
C TRP A 1 -2.65 -9.59 -6.82
N LEU A 2 -1.73 -10.46 -7.12
CA LEU A 2 -0.37 -10.33 -6.54
C LEU A 2 0.46 -9.31 -7.32
N GLY A 3 0.98 -8.31 -6.66
CA GLY A 3 1.79 -7.28 -7.37
C GLY A 3 1.70 -5.94 -6.63
N CYS A 4 0.71 -5.79 -5.79
CA CYS A 4 0.56 -4.50 -5.04
C CYS A 4 1.00 -4.68 -3.59
N ALA A 5 0.45 -3.91 -2.69
CA ALA A 5 0.85 -4.04 -1.26
C ALA A 5 -0.40 -3.96 -0.37
N ARG A 6 -0.48 -4.81 0.63
CA ARG A 6 -1.68 -4.79 1.52
C ARG A 6 -1.45 -3.85 2.70
N VAL A 7 -2.47 -3.59 3.47
CA VAL A 7 -2.32 -2.68 4.64
C VAL A 7 -1.00 -2.97 5.38
N LYS A 8 -1.01 -3.95 6.24
CA LYS A 8 0.20 -4.30 7.02
C LYS A 8 1.48 -4.15 6.18
N GLU A 9 1.37 -4.28 4.89
CA GLU A 9 2.58 -4.15 4.02
C GLU A 9 2.94 -2.68 3.81
N ALA A 10 4.19 -2.37 3.91
CA ALA A 10 4.65 -0.97 3.73
C ALA A 10 5.00 -0.72 2.26
N CYS A 11 4.54 0.38 1.71
CA CYS A 11 4.86 0.68 0.28
C CYS A 11 5.76 1.93 0.19
N GLY A 12 5.84 2.52 -0.97
CA GLY A 12 6.68 3.74 -1.13
C GLY A 12 6.00 4.71 -2.10
N PRO A 13 6.79 5.56 -2.69
CA PRO A 13 6.26 6.56 -3.65
C PRO A 13 5.86 5.87 -4.96
N TRP A 14 6.75 5.82 -5.91
CA TRP A 14 6.42 5.15 -7.20
C TRP A 14 6.73 3.65 -7.11
N GLU A 15 7.20 3.19 -5.99
CA GLU A 15 7.52 1.75 -5.83
C GLU A 15 6.24 0.95 -5.55
N TRP A 16 6.36 -0.35 -5.47
CA TRP A 16 5.16 -1.21 -5.20
C TRP A 16 4.17 -0.51 -4.26
N PRO A 17 3.19 0.12 -4.86
CA PRO A 17 2.16 0.84 -4.09
C PRO A 17 1.20 -0.15 -3.43
N CYS A 18 0.12 0.33 -2.88
CA CYS A 18 -0.86 -0.59 -2.23
C CYS A 18 -2.06 -0.83 -3.16
N CYS A 19 -2.56 -2.04 -3.20
CA CYS A 19 -3.72 -2.33 -4.09
C CYS A 19 -4.74 -1.20 -4.02
N SER A 20 -5.55 -1.05 -5.03
CA SER A 20 -6.57 0.05 -5.04
C SER A 20 -7.52 -0.11 -3.85
N GLY A 21 -7.57 0.87 -3.00
CA GLY A 21 -8.48 0.78 -1.81
C GLY A 21 -7.67 0.99 -0.54
N LEU A 22 -6.39 1.17 -0.65
CA LEU A 22 -5.55 1.38 0.57
C LEU A 22 -4.89 2.77 0.51
N LYS A 23 -4.36 3.22 1.62
CA LYS A 23 -3.69 4.56 1.63
C LYS A 23 -2.39 4.50 2.43
N CYS A 24 -1.27 4.39 1.76
CA CYS A 24 0.03 4.35 2.48
C CYS A 24 0.17 5.61 3.34
N ASP A 25 -0.14 5.52 4.61
CA ASP A 25 -0.03 6.73 5.47
C ASP A 25 1.44 6.96 5.88
N GLY A 26 1.84 6.50 7.04
CA GLY A 26 3.24 6.70 7.47
C GLY A 26 4.15 5.68 6.79
N SER A 27 3.69 4.47 6.62
CA SER A 27 4.53 3.43 5.97
C SER A 27 3.65 2.29 5.45
N GLU A 28 2.84 1.73 6.31
CA GLU A 28 1.95 0.63 5.88
C GLU A 28 0.73 1.19 5.16
N CYS A 29 0.10 0.42 4.32
CA CYS A 29 -1.10 0.95 3.61
C CYS A 29 -2.29 0.95 4.57
N HIS A 30 -3.17 1.89 4.46
CA HIS A 30 -4.33 1.93 5.40
C HIS A 30 -5.62 1.46 4.70
N PRO A 31 -6.61 1.18 5.49
CA PRO A 31 -7.91 0.71 4.96
C PRO A 31 -8.76 1.90 4.49
N GLN A 32 -8.16 2.83 3.79
CA GLN A 32 -8.95 4.01 3.30
C GLN A 32 -8.26 4.64 2.10
N TRP A 1 -4.82 -6.94 -13.77
CA TRP A 1 -3.74 -6.00 -13.34
C TRP A 1 -2.86 -6.66 -12.27
N LEU A 2 -1.57 -6.64 -12.46
CA LEU A 2 -0.66 -7.26 -11.45
C LEU A 2 0.21 -6.18 -10.80
N GLY A 3 0.29 -6.18 -9.50
CA GLY A 3 1.11 -5.15 -8.81
C GLY A 3 0.30 -4.56 -7.66
N CYS A 4 0.14 -5.29 -6.59
CA CYS A 4 -0.64 -4.77 -5.44
C CYS A 4 0.09 -5.06 -4.13
N ALA A 5 -0.02 -4.19 -3.17
CA ALA A 5 0.67 -4.40 -1.87
C ALA A 5 -0.33 -4.92 -0.82
N ARG A 6 -0.06 -4.68 0.43
CA ARG A 6 -0.98 -5.14 1.49
C ARG A 6 -0.91 -4.20 2.70
N VAL A 7 -1.98 -4.00 3.40
CA VAL A 7 -1.94 -3.08 4.57
C VAL A 7 -0.68 -3.36 5.41
N LYS A 8 -0.28 -4.60 5.49
CA LYS A 8 0.92 -4.93 6.28
C LYS A 8 2.19 -4.75 5.44
N GLU A 9 2.22 -3.74 4.60
CA GLU A 9 3.42 -3.51 3.76
C GLU A 9 3.81 -2.04 3.79
N ALA A 10 5.08 -1.77 3.73
CA ALA A 10 5.55 -0.37 3.78
C ALA A 10 5.62 0.22 2.37
N CYS A 11 4.58 0.89 1.94
CA CYS A 11 4.60 1.49 0.57
C CYS A 11 4.67 3.01 0.67
N GLY A 12 5.54 3.63 -0.08
CA GLY A 12 5.66 5.11 -0.01
C GLY A 12 5.81 5.69 -1.42
N PRO A 13 7.01 5.62 -1.93
CA PRO A 13 7.31 6.14 -3.28
C PRO A 13 6.63 5.26 -4.34
N TRP A 14 7.17 5.23 -5.53
CA TRP A 14 6.54 4.39 -6.60
C TRP A 14 6.99 2.93 -6.46
N GLU A 15 7.05 2.41 -5.27
CA GLU A 15 7.48 1.01 -5.08
C GLU A 15 6.25 0.09 -5.09
N TRP A 16 6.21 -0.89 -4.22
CA TRP A 16 5.02 -1.80 -4.19
C TRP A 16 3.73 -0.99 -4.16
N PRO A 17 3.06 -0.98 -5.28
CA PRO A 17 1.77 -0.23 -5.40
C PRO A 17 0.68 -0.90 -4.58
N CYS A 18 0.06 -0.18 -3.69
CA CYS A 18 -1.02 -0.77 -2.85
C CYS A 18 -2.32 -0.91 -3.65
N CYS A 19 -3.02 -1.99 -3.46
CA CYS A 19 -4.30 -2.19 -4.20
C CYS A 19 -5.17 -0.93 -4.12
N SER A 20 -6.22 -0.87 -4.89
CA SER A 20 -7.10 0.33 -4.85
C SER A 20 -7.96 0.31 -3.57
N GLY A 21 -8.07 1.43 -2.91
CA GLY A 21 -8.88 1.47 -1.67
C GLY A 21 -7.96 1.58 -0.44
N LEU A 22 -6.68 1.52 -0.66
CA LEU A 22 -5.72 1.63 0.48
C LEU A 22 -4.79 2.82 0.27
N LYS A 23 -4.17 3.30 1.32
CA LYS A 23 -3.24 4.45 1.18
C LYS A 23 -2.25 4.48 2.34
N CYS A 24 -0.99 4.26 2.05
CA CYS A 24 0.03 4.28 3.14
C CYS A 24 0.00 5.64 3.85
N ASP A 25 -0.58 5.69 5.02
CA ASP A 25 -0.63 6.98 5.76
C ASP A 25 0.65 7.19 6.56
N GLY A 26 1.79 7.01 5.93
CA GLY A 26 3.08 7.20 6.65
C GLY A 26 4.06 6.12 6.21
N SER A 27 3.65 4.88 6.24
CA SER A 27 4.57 3.78 5.82
C SER A 27 3.77 2.53 5.45
N GLU A 28 3.01 2.02 6.38
CA GLU A 28 2.20 0.80 6.10
C GLU A 28 0.93 1.17 5.33
N CYS A 29 0.44 0.28 4.51
CA CYS A 29 -0.80 0.58 3.73
C CYS A 29 -2.01 0.65 4.67
N HIS A 30 -2.66 1.77 4.74
CA HIS A 30 -3.84 1.90 5.64
C HIS A 30 -5.13 1.65 4.86
N PRO A 31 -6.21 1.51 5.58
CA PRO A 31 -7.53 1.25 4.97
C PRO A 31 -8.14 2.58 4.48
N GLN A 32 -7.36 3.40 3.83
CA GLN A 32 -7.90 4.71 3.34
C GLN A 32 -8.51 5.50 4.50
N TRP A 1 -4.90 -4.22 -11.65
CA TRP A 1 -4.33 -5.51 -11.15
C TRP A 1 -4.80 -5.77 -9.71
N LEU A 2 -5.14 -7.00 -9.40
CA LEU A 2 -5.60 -7.31 -8.02
C LEU A 2 -4.42 -7.67 -7.13
N GLY A 3 -3.35 -8.17 -7.70
CA GLY A 3 -2.16 -8.54 -6.88
C GLY A 3 -1.44 -7.27 -6.42
N CYS A 4 -1.60 -6.91 -5.17
CA CYS A 4 -0.94 -5.68 -4.66
C CYS A 4 -0.53 -5.87 -3.19
N ALA A 5 -0.30 -4.80 -2.49
CA ALA A 5 0.10 -4.93 -1.06
C ALA A 5 -1.15 -5.11 -0.18
N ARG A 6 -1.03 -4.82 1.08
CA ARG A 6 -2.20 -4.98 2.00
C ARG A 6 -2.06 -4.01 3.18
N VAL A 7 -2.71 -4.28 4.27
CA VAL A 7 -2.61 -3.38 5.45
C VAL A 7 -1.47 -3.85 6.35
N LYS A 8 -0.26 -3.80 5.86
CA LYS A 8 0.90 -4.23 6.66
C LYS A 8 2.19 -4.23 5.82
N GLU A 9 2.07 -4.29 4.52
CA GLU A 9 3.29 -4.28 3.66
C GLU A 9 3.84 -2.87 3.53
N ALA A 10 5.10 -2.72 3.78
CA ALA A 10 5.74 -1.39 3.69
C ALA A 10 5.74 -0.88 2.25
N CYS A 11 4.83 0.01 1.93
CA CYS A 11 4.79 0.55 0.54
C CYS A 11 5.14 2.04 0.55
N GLY A 12 5.85 2.51 -0.44
CA GLY A 12 6.22 3.95 -0.46
C GLY A 12 5.62 4.60 -1.71
N PRO A 13 5.98 5.85 -1.90
CA PRO A 13 5.47 6.61 -3.08
C PRO A 13 6.13 6.11 -4.36
N TRP A 14 7.43 6.10 -4.41
CA TRP A 14 8.14 5.64 -5.63
C TRP A 14 8.41 4.13 -5.53
N GLU A 15 7.76 3.46 -4.63
CA GLU A 15 7.99 1.99 -4.48
C GLU A 15 6.75 1.20 -4.90
N TRP A 16 5.89 0.87 -3.96
CA TRP A 16 4.67 0.11 -4.32
C TRP A 16 3.43 1.01 -4.16
N PRO A 17 2.63 1.03 -5.18
CA PRO A 17 1.40 1.87 -5.17
C PRO A 17 0.33 1.27 -4.25
N CYS A 18 0.49 0.02 -3.87
CA CYS A 18 -0.52 -0.61 -2.98
C CYS A 18 -1.82 -0.86 -3.75
N CYS A 19 -2.77 -1.49 -3.13
CA CYS A 19 -4.06 -1.78 -3.83
C CYS A 19 -4.85 -0.47 -4.04
N SER A 20 -5.97 -0.56 -4.68
CA SER A 20 -6.78 0.68 -4.93
C SER A 20 -7.67 0.99 -3.72
N GLY A 21 -8.13 -0.03 -3.05
CA GLY A 21 -9.00 0.20 -1.85
C GLY A 21 -8.11 0.50 -0.65
N LEU A 22 -6.84 0.65 -0.86
CA LEU A 22 -5.91 0.95 0.28
C LEU A 22 -5.43 2.39 0.20
N LYS A 23 -4.57 2.78 1.09
CA LYS A 23 -4.07 4.18 1.08
C LYS A 23 -2.72 4.25 1.82
N CYS A 24 -1.64 4.11 1.10
CA CYS A 24 -0.30 4.19 1.76
C CYS A 24 -0.09 5.59 2.35
N ASP A 25 0.06 5.68 3.64
CA ASP A 25 0.27 7.02 4.26
C ASP A 25 1.28 6.96 5.40
N GLY A 26 2.55 7.03 5.07
CA GLY A 26 3.60 6.98 6.13
C GLY A 26 4.66 5.95 5.75
N SER A 27 4.32 4.70 5.85
CA SER A 27 5.29 3.63 5.49
C SER A 27 4.57 2.30 5.23
N GLU A 28 3.50 2.06 5.94
CA GLU A 28 2.75 0.79 5.74
C GLU A 28 1.40 1.06 5.09
N CYS A 29 1.07 0.34 4.06
CA CYS A 29 -0.23 0.56 3.37
C CYS A 29 -1.36 0.71 4.39
N HIS A 30 -1.89 1.89 4.51
CA HIS A 30 -3.00 2.11 5.50
C HIS A 30 -4.35 1.96 4.80
N PRO A 31 -5.20 1.15 5.36
CA PRO A 31 -6.54 0.92 4.78
C PRO A 31 -7.41 2.17 4.89
N GLN A 32 -8.39 2.31 4.05
CA GLN A 32 -9.27 3.51 4.10
C GLN A 32 -9.95 3.63 5.46
N TRP A 1 -1.44 -14.19 -4.16
CA TRP A 1 -2.33 -13.19 -3.53
C TRP A 1 -2.87 -12.21 -4.57
N LEU A 2 -3.69 -11.29 -4.15
CA LEU A 2 -4.28 -10.29 -5.10
C LEU A 2 -3.26 -9.91 -6.17
N GLY A 3 -2.21 -9.26 -5.76
CA GLY A 3 -1.15 -8.84 -6.72
C GLY A 3 -0.79 -7.37 -6.47
N CYS A 4 -0.85 -6.94 -5.24
CA CYS A 4 -0.51 -5.52 -4.91
C CYS A 4 -0.10 -5.42 -3.44
N ALA A 5 0.21 -4.24 -2.98
CA ALA A 5 0.62 -4.08 -1.55
C ALA A 5 -0.62 -4.17 -0.65
N ARG A 6 -0.55 -4.96 0.39
CA ARG A 6 -1.72 -5.10 1.31
C ARG A 6 -1.76 -3.91 2.27
N VAL A 7 -2.38 -4.08 3.41
CA VAL A 7 -2.45 -2.96 4.40
C VAL A 7 -1.24 -3.00 5.33
N LYS A 8 -0.50 -4.07 5.32
CA LYS A 8 0.68 -4.17 6.20
C LYS A 8 1.96 -4.11 5.37
N GLU A 9 1.84 -3.92 4.08
CA GLU A 9 3.05 -3.84 3.22
C GLU A 9 3.70 -2.47 3.30
N ALA A 10 5.00 -2.45 3.34
CA ALA A 10 5.74 -1.16 3.44
C ALA A 10 5.70 -0.44 2.09
N CYS A 11 4.66 0.32 1.86
CA CYS A 11 4.56 1.07 0.57
C CYS A 11 5.07 2.50 0.75
N GLY A 12 5.11 3.26 -0.31
CA GLY A 12 5.60 4.66 -0.22
C GLY A 12 5.93 5.18 -1.62
N PRO A 13 6.54 6.33 -1.66
CA PRO A 13 6.91 6.95 -2.96
C PRO A 13 8.16 6.27 -3.54
N TRP A 14 8.62 5.20 -2.94
CA TRP A 14 9.83 4.51 -3.47
C TRP A 14 9.47 3.08 -3.88
N GLU A 15 8.24 2.68 -3.70
CA GLU A 15 7.85 1.29 -4.08
C GLU A 15 6.55 1.30 -4.89
N TRP A 16 5.91 0.17 -4.99
CA TRP A 16 4.63 0.08 -5.76
C TRP A 16 3.49 0.72 -4.96
N PRO A 17 2.38 0.95 -5.64
CA PRO A 17 1.21 1.55 -4.98
C PRO A 17 0.53 0.54 -4.04
N CYS A 18 -0.72 0.74 -3.72
CA CYS A 18 -1.41 -0.21 -2.82
C CYS A 18 -2.63 -0.82 -3.51
N CYS A 19 -3.17 -1.87 -2.96
CA CYS A 19 -4.36 -2.52 -3.59
C CYS A 19 -5.52 -1.52 -3.68
N SER A 20 -6.70 -1.99 -3.94
CA SER A 20 -7.88 -1.07 -4.04
C SER A 20 -8.54 -0.92 -2.67
N GLY A 21 -8.65 0.28 -2.18
CA GLY A 21 -9.30 0.50 -0.86
C GLY A 21 -8.23 0.73 0.21
N LEU A 22 -7.00 0.97 -0.20
CA LEU A 22 -5.92 1.20 0.78
C LEU A 22 -5.08 2.42 0.37
N LYS A 23 -4.75 3.27 1.30
CA LYS A 23 -3.93 4.47 0.95
C LYS A 23 -2.63 4.47 1.74
N CYS A 24 -1.52 4.28 1.08
CA CYS A 24 -0.22 4.28 1.80
C CYS A 24 -0.16 5.46 2.78
N ASP A 25 -0.07 5.19 4.06
CA ASP A 25 -0.01 6.30 5.05
C ASP A 25 1.43 6.82 5.19
N GLY A 26 2.28 6.51 4.25
CA GLY A 26 3.69 7.01 4.33
C GLY A 26 4.65 5.81 4.43
N SER A 27 4.31 4.85 5.25
CA SER A 27 5.21 3.66 5.39
C SER A 27 4.41 2.37 5.16
N GLU A 28 3.35 2.20 5.88
CA GLU A 28 2.53 0.97 5.72
C GLU A 28 1.16 1.33 5.13
N CYS A 29 0.66 0.52 4.24
CA CYS A 29 -0.67 0.82 3.63
C CYS A 29 -1.74 0.89 4.71
N HIS A 30 -2.60 1.87 4.67
CA HIS A 30 -3.65 1.98 5.71
C HIS A 30 -5.04 1.78 5.09
N PRO A 31 -5.99 1.52 5.93
CA PRO A 31 -7.39 1.30 5.46
C PRO A 31 -8.00 2.62 4.98
N GLN A 32 -8.64 2.60 3.85
CA GLN A 32 -9.25 3.86 3.31
C GLN A 32 -10.67 4.03 3.87
N TRP A 1 -6.84 -10.52 -12.01
CA TRP A 1 -6.87 -10.52 -10.52
C TRP A 1 -6.34 -9.18 -9.99
N LEU A 2 -6.60 -8.89 -8.74
CA LEU A 2 -6.12 -7.61 -8.17
C LEU A 2 -4.60 -7.63 -8.01
N GLY A 3 -4.11 -8.44 -7.11
CA GLY A 3 -2.63 -8.52 -6.90
C GLY A 3 -2.10 -7.13 -6.55
N CYS A 4 -1.90 -6.85 -5.29
CA CYS A 4 -1.38 -5.52 -4.89
C CYS A 4 -0.72 -5.61 -3.51
N ALA A 5 -0.30 -4.49 -2.97
CA ALA A 5 0.36 -4.51 -1.64
C ALA A 5 -0.70 -4.46 -0.54
N ARG A 6 -0.56 -5.25 0.49
CA ARG A 6 -1.56 -5.26 1.59
C ARG A 6 -1.14 -4.25 2.67
N VAL A 7 -1.93 -4.10 3.69
CA VAL A 7 -1.57 -3.15 4.77
C VAL A 7 -0.13 -3.39 5.22
N LYS A 8 0.11 -4.48 5.89
CA LYS A 8 1.48 -4.80 6.36
C LYS A 8 2.54 -4.42 5.33
N GLU A 9 2.17 -4.38 4.07
CA GLU A 9 3.18 -4.02 3.03
C GLU A 9 3.38 -2.51 3.00
N ALA A 10 4.61 -2.11 2.93
CA ALA A 10 4.93 -0.66 2.93
C ALA A 10 4.94 -0.11 1.50
N CYS A 11 3.94 0.66 1.14
CA CYS A 11 3.89 1.22 -0.24
C CYS A 11 4.27 2.71 -0.20
N GLY A 12 4.45 3.31 -1.34
CA GLY A 12 4.81 4.76 -1.36
C GLY A 12 5.02 5.22 -2.82
N PRO A 13 5.55 6.40 -2.95
CA PRO A 13 5.80 6.97 -4.30
C PRO A 13 6.99 6.26 -4.97
N TRP A 14 7.89 5.73 -4.19
CA TRP A 14 9.07 5.04 -4.79
C TRP A 14 9.23 3.65 -4.16
N GLU A 15 8.16 3.05 -3.73
CA GLU A 15 8.26 1.69 -3.11
C GLU A 15 7.16 0.78 -3.65
N TRP A 16 6.85 -0.28 -2.94
CA TRP A 16 5.78 -1.21 -3.41
C TRP A 16 4.47 -0.45 -3.63
N PRO A 17 3.70 -0.93 -4.56
CA PRO A 17 2.40 -0.29 -4.87
C PRO A 17 1.37 -0.61 -3.79
N CYS A 18 0.11 -0.48 -4.10
CA CYS A 18 -0.94 -0.77 -3.08
C CYS A 18 -2.33 -0.76 -3.73
N CYS A 19 -3.18 -1.68 -3.35
CA CYS A 19 -4.55 -1.71 -3.96
C CYS A 19 -5.16 -0.32 -3.96
N SER A 20 -6.32 -0.19 -4.57
CA SER A 20 -6.99 1.15 -4.62
C SER A 20 -7.85 1.35 -3.37
N GLY A 21 -8.02 0.32 -2.58
CA GLY A 21 -8.85 0.45 -1.35
C GLY A 21 -7.94 0.72 -0.14
N LEU A 22 -6.70 1.06 -0.39
CA LEU A 22 -5.76 1.34 0.74
C LEU A 22 -5.14 2.72 0.58
N LYS A 23 -4.36 3.14 1.54
CA LYS A 23 -3.71 4.48 1.44
C LYS A 23 -2.51 4.55 2.39
N CYS A 24 -1.31 4.50 1.86
CA CYS A 24 -0.11 4.57 2.75
C CYS A 24 -0.11 5.87 3.54
N ASP A 25 -0.26 5.79 4.83
CA ASP A 25 -0.27 7.03 5.66
C ASP A 25 1.13 7.29 6.22
N GLY A 26 2.14 6.80 5.55
CA GLY A 26 3.52 7.02 6.05
C GLY A 26 4.43 5.88 5.56
N SER A 27 3.93 4.67 5.56
CA SER A 27 4.76 3.53 5.09
C SER A 27 3.86 2.34 4.72
N GLU A 28 3.16 1.80 5.68
CA GLU A 28 2.28 0.64 5.40
C GLU A 28 0.98 1.10 4.76
N CYS A 29 0.28 0.22 4.09
CA CYS A 29 -1.00 0.62 3.44
C CYS A 29 -2.12 0.67 4.48
N HIS A 30 -2.55 1.85 4.84
CA HIS A 30 -3.64 1.98 5.85
C HIS A 30 -5.00 1.73 5.19
N PRO A 31 -5.83 1.01 5.89
CA PRO A 31 -7.18 0.70 5.37
C PRO A 31 -8.07 1.94 5.41
N GLN A 32 -8.47 2.42 4.25
CA GLN A 32 -9.34 3.63 4.20
C GLN A 32 -10.41 3.57 5.31
N TRP A 1 1.40 1.43 -14.37
CA TRP A 1 0.26 1.73 -13.46
C TRP A 1 0.63 1.43 -12.02
N LEU A 2 -0.26 1.69 -11.11
CA LEU A 2 0.02 1.41 -9.67
C LEU A 2 0.32 -0.08 -9.46
N GLY A 3 -0.27 -0.68 -8.47
CA GLY A 3 -0.01 -2.13 -8.23
C GLY A 3 -1.03 -2.66 -7.20
N CYS A 4 -0.59 -3.50 -6.31
CA CYS A 4 -1.54 -4.04 -5.29
C CYS A 4 -0.77 -4.61 -4.08
N ALA A 5 -0.27 -3.77 -3.24
CA ALA A 5 0.48 -4.26 -2.04
C ALA A 5 -0.51 -4.91 -1.07
N ARG A 6 -0.27 -4.79 0.21
CA ARG A 6 -1.20 -5.41 1.21
C ARG A 6 -1.55 -4.41 2.30
N VAL A 7 -2.36 -4.81 3.25
CA VAL A 7 -2.74 -3.89 4.36
C VAL A 7 -1.73 -4.01 5.51
N LYS A 8 -0.47 -3.90 5.22
CA LYS A 8 0.58 -4.00 6.28
C LYS A 8 1.94 -4.22 5.64
N GLU A 9 2.19 -3.60 4.52
CA GLU A 9 3.50 -3.77 3.84
C GLU A 9 4.07 -2.42 3.44
N ALA A 10 5.31 -2.20 3.77
CA ALA A 10 5.97 -0.92 3.42
C ALA A 10 5.56 -0.49 2.00
N CYS A 11 4.90 0.62 1.88
CA CYS A 11 4.48 1.09 0.53
C CYS A 11 4.74 2.59 0.39
N GLY A 12 5.40 3.00 -0.65
CA GLY A 12 5.68 4.46 -0.84
C GLY A 12 5.41 4.85 -2.29
N PRO A 13 5.77 6.07 -2.60
CA PRO A 13 5.57 6.60 -3.98
C PRO A 13 6.57 5.96 -4.95
N TRP A 14 7.63 5.38 -4.43
CA TRP A 14 8.64 4.74 -5.32
C TRP A 14 9.11 3.41 -4.73
N GLU A 15 8.20 2.63 -4.21
CA GLU A 15 8.61 1.32 -3.62
C GLU A 15 7.54 0.25 -3.91
N TRP A 16 6.51 0.20 -3.11
CA TRP A 16 5.45 -0.82 -3.34
C TRP A 16 4.10 -0.12 -3.57
N PRO A 17 3.34 -0.70 -4.45
CA PRO A 17 1.99 -0.15 -4.79
C PRO A 17 1.01 -0.40 -3.64
N CYS A 18 -0.27 -0.42 -3.92
CA CYS A 18 -1.27 -0.68 -2.85
C CYS A 18 -2.66 -0.93 -3.44
N CYS A 19 -3.16 -2.13 -3.30
CA CYS A 19 -4.50 -2.45 -3.86
C CYS A 19 -5.46 -1.27 -3.67
N SER A 20 -6.47 -1.18 -4.48
CA SER A 20 -7.45 -0.06 -4.34
C SER A 20 -8.16 -0.15 -2.99
N GLY A 21 -8.67 0.94 -2.50
CA GLY A 21 -9.38 0.92 -1.18
C GLY A 21 -8.36 1.07 -0.06
N LEU A 22 -7.11 1.28 -0.38
CA LEU A 22 -6.07 1.44 0.68
C LEU A 22 -5.30 2.74 0.47
N LYS A 23 -4.72 3.26 1.52
CA LYS A 23 -3.95 4.53 1.39
C LYS A 23 -2.71 4.47 2.28
N CYS A 24 -1.54 4.50 1.68
CA CYS A 24 -0.29 4.46 2.49
C CYS A 24 -0.26 5.62 3.48
N ASP A 25 -0.12 5.35 4.75
CA ASP A 25 -0.08 6.45 5.75
C ASP A 25 1.31 7.08 5.78
N GLY A 26 2.17 6.69 4.88
CA GLY A 26 3.55 7.27 4.85
C GLY A 26 4.57 6.20 5.20
N SER A 27 4.12 4.99 5.47
CA SER A 27 5.07 3.90 5.82
C SER A 27 4.51 2.55 5.37
N GLU A 28 3.31 2.24 5.75
CA GLU A 28 2.71 0.93 5.36
C GLU A 28 1.32 1.14 4.78
N CYS A 29 0.93 0.32 3.84
CA CYS A 29 -0.43 0.47 3.24
C CYS A 29 -1.50 0.41 4.34
N HIS A 30 -2.31 1.42 4.44
CA HIS A 30 -3.37 1.41 5.50
C HIS A 30 -4.75 1.23 4.88
N PRO A 31 -5.73 1.11 5.73
CA PRO A 31 -7.12 0.94 5.26
C PRO A 31 -7.72 2.29 4.83
N GLN A 32 -8.63 2.28 3.90
CA GLN A 32 -9.23 3.58 3.46
C GLN A 32 -9.83 4.32 4.66
N TRP A 1 0.65 -14.41 -5.43
CA TRP A 1 0.61 -13.55 -6.65
C TRP A 1 1.20 -12.17 -6.36
N LEU A 2 1.66 -11.48 -7.36
CA LEU A 2 2.24 -10.13 -7.14
C LEU A 2 1.58 -9.10 -8.06
N GLY A 3 1.31 -7.92 -7.58
CA GLY A 3 0.67 -6.89 -8.43
C GLY A 3 0.26 -5.68 -7.59
N CYS A 4 0.02 -5.87 -6.32
CA CYS A 4 -0.40 -4.71 -5.47
C CYS A 4 0.12 -4.89 -4.04
N ALA A 5 -0.24 -3.98 -3.16
CA ALA A 5 0.21 -4.08 -1.75
C ALA A 5 -0.98 -4.36 -0.84
N ARG A 6 -0.78 -4.97 0.28
CA ARG A 6 -1.92 -5.26 1.20
C ARG A 6 -1.99 -4.23 2.32
N VAL A 7 -2.70 -4.51 3.37
CA VAL A 7 -2.80 -3.54 4.49
C VAL A 7 -1.64 -3.73 5.46
N LYS A 8 -0.43 -3.64 4.98
CA LYS A 8 0.77 -3.80 5.85
C LYS A 8 2.01 -4.04 5.00
N GLU A 9 2.11 -3.39 3.87
CA GLU A 9 3.30 -3.57 3.01
C GLU A 9 4.00 -2.25 2.76
N ALA A 10 5.30 -2.27 2.84
CA ALA A 10 6.09 -1.04 2.61
C ALA A 10 5.63 -0.34 1.34
N CYS A 11 5.08 0.84 1.46
CA CYS A 11 4.61 1.57 0.26
C CYS A 11 4.68 3.08 0.48
N GLY A 12 4.44 3.85 -0.54
CA GLY A 12 4.50 5.33 -0.39
C GLY A 12 5.17 5.96 -1.62
N PRO A 13 6.46 6.10 -1.52
CA PRO A 13 7.24 6.71 -2.64
C PRO A 13 7.32 5.76 -3.84
N TRP A 14 8.35 4.97 -3.91
CA TRP A 14 8.47 4.02 -5.05
C TRP A 14 8.47 2.57 -4.54
N GLU A 15 7.75 2.31 -3.49
CA GLU A 15 7.71 0.93 -2.93
C GLU A 15 6.53 0.16 -3.53
N TRP A 16 6.33 -1.06 -3.11
CA TRP A 16 5.20 -1.85 -3.66
C TRP A 16 3.94 -0.99 -3.76
N PRO A 17 3.31 -1.04 -4.90
CA PRO A 17 2.07 -0.24 -5.13
C PRO A 17 0.90 -0.83 -4.35
N CYS A 18 0.00 0.01 -3.90
CA CYS A 18 -1.18 -0.49 -3.13
C CYS A 18 -2.43 -0.44 -3.99
N CYS A 19 -3.25 -1.45 -3.95
CA CYS A 19 -4.49 -1.44 -4.78
C CYS A 19 -5.54 -0.51 -4.16
N SER A 20 -6.79 -0.70 -4.50
CA SER A 20 -7.85 0.17 -3.94
C SER A 20 -8.26 -0.31 -2.54
N GLY A 21 -8.63 0.60 -1.68
CA GLY A 21 -9.03 0.20 -0.30
C GLY A 21 -7.83 0.33 0.63
N LEU A 22 -6.70 0.74 0.12
CA LEU A 22 -5.50 0.89 0.98
C LEU A 22 -4.79 2.21 0.67
N LYS A 23 -4.47 2.98 1.68
CA LYS A 23 -3.77 4.28 1.44
C LYS A 23 -2.50 4.35 2.30
N CYS A 24 -1.36 4.40 1.67
CA CYS A 24 -0.08 4.47 2.43
C CYS A 24 -0.14 5.62 3.45
N ASP A 25 -0.30 5.32 4.70
CA ASP A 25 -0.36 6.40 5.73
C ASP A 25 1.04 6.72 6.25
N GLY A 26 1.92 7.17 5.39
CA GLY A 26 3.30 7.51 5.85
C GLY A 26 4.31 6.60 5.15
N SER A 27 4.25 5.32 5.42
CA SER A 27 5.21 4.37 4.78
C SER A 27 4.64 2.96 4.76
N GLU A 28 3.36 2.80 5.00
CA GLU A 28 2.77 1.43 4.99
C GLU A 28 1.32 1.48 4.51
N CYS A 29 0.90 0.50 3.75
CA CYS A 29 -0.52 0.49 3.26
C CYS A 29 -1.48 0.36 4.44
N HIS A 30 -2.28 1.37 4.70
CA HIS A 30 -3.24 1.30 5.83
C HIS A 30 -4.66 1.13 5.30
N PRO A 31 -5.56 0.83 6.20
CA PRO A 31 -6.99 0.64 5.82
C PRO A 31 -7.64 1.98 5.55
N GLN A 32 -7.75 2.37 4.30
CA GLN A 32 -8.39 3.68 3.98
C GLN A 32 -9.89 3.61 4.24
N TRP A 1 0.98 -12.33 -3.57
CA TRP A 1 1.79 -11.28 -2.87
C TRP A 1 2.76 -10.63 -3.86
N LEU A 2 2.27 -9.77 -4.70
CA LEU A 2 3.15 -9.09 -5.69
C LEU A 2 2.34 -8.09 -6.52
N GLY A 3 1.09 -8.39 -6.77
CA GLY A 3 0.25 -7.47 -7.57
C GLY A 3 0.24 -6.09 -6.92
N CYS A 4 0.11 -6.03 -5.62
CA CYS A 4 0.09 -4.72 -4.92
C CYS A 4 0.41 -4.90 -3.43
N ALA A 5 0.26 -3.87 -2.65
CA ALA A 5 0.55 -3.99 -1.19
C ALA A 5 -0.75 -4.11 -0.40
N ARG A 6 -0.83 -5.08 0.48
CA ARG A 6 -2.08 -5.25 1.28
C ARG A 6 -2.04 -4.35 2.51
N VAL A 7 -2.80 -4.68 3.53
CA VAL A 7 -2.80 -3.83 4.76
C VAL A 7 -1.65 -4.23 5.69
N LYS A 8 -0.44 -4.19 5.19
CA LYS A 8 0.73 -4.55 6.02
C LYS A 8 1.97 -4.69 5.13
N GLU A 9 2.15 -3.78 4.22
CA GLU A 9 3.34 -3.86 3.31
C GLU A 9 4.03 -2.51 3.27
N ALA A 10 5.32 -2.53 3.14
CA ALA A 10 6.11 -1.28 3.09
C ALA A 10 5.81 -0.51 1.78
N CYS A 11 4.75 0.25 1.77
CA CYS A 11 4.40 1.01 0.54
C CYS A 11 5.03 2.41 0.60
N GLY A 12 5.17 3.04 -0.54
CA GLY A 12 5.77 4.41 -0.57
C GLY A 12 5.97 4.84 -2.01
N PRO A 13 6.58 5.99 -2.17
CA PRO A 13 6.85 6.53 -3.53
C PRO A 13 7.97 5.73 -4.21
N TRP A 14 8.76 5.04 -3.44
CA TRP A 14 9.87 4.25 -4.04
C TRP A 14 9.44 2.79 -4.22
N GLU A 15 8.18 2.51 -4.03
CA GLU A 15 7.70 1.11 -4.19
C GLU A 15 6.36 1.08 -4.93
N TRP A 16 5.55 0.08 -4.67
CA TRP A 16 4.24 -0.01 -5.36
C TRP A 16 3.12 0.54 -4.46
N PRO A 17 2.17 1.18 -5.07
CA PRO A 17 1.04 1.77 -4.30
C PRO A 17 0.14 0.66 -3.73
N CYS A 18 -0.48 0.92 -2.61
CA CYS A 18 -1.37 -0.11 -1.98
C CYS A 18 -2.42 -0.59 -2.99
N CYS A 19 -3.09 -1.67 -2.68
CA CYS A 19 -4.14 -2.18 -3.60
C CYS A 19 -5.35 -1.24 -3.62
N SER A 20 -6.42 -1.63 -4.22
CA SER A 20 -7.62 -0.75 -4.26
C SER A 20 -8.32 -0.74 -2.89
N GLY A 21 -8.57 0.42 -2.36
CA GLY A 21 -9.23 0.51 -1.03
C GLY A 21 -8.21 0.89 0.04
N LEU A 22 -6.95 0.78 -0.28
CA LEU A 22 -5.89 1.14 0.72
C LEU A 22 -5.23 2.47 0.34
N LYS A 23 -4.35 2.96 1.17
CA LYS A 23 -3.68 4.25 0.85
C LYS A 23 -2.35 4.35 1.60
N CYS A 24 -1.28 4.62 0.91
CA CYS A 24 0.04 4.74 1.59
C CYS A 24 -0.01 5.90 2.59
N ASP A 25 -0.37 5.61 3.82
CA ASP A 25 -0.46 6.70 4.84
C ASP A 25 0.84 6.84 5.62
N GLY A 26 1.92 7.16 4.95
CA GLY A 26 3.22 7.32 5.67
C GLY A 26 4.22 6.30 5.14
N SER A 27 3.96 5.04 5.36
CA SER A 27 4.91 3.99 4.88
C SER A 27 4.20 2.64 4.81
N GLU A 28 3.30 2.38 5.71
CA GLU A 28 2.57 1.09 5.70
C GLU A 28 1.21 1.25 5.02
N CYS A 29 0.85 0.36 4.15
CA CYS A 29 -0.46 0.48 3.46
C CYS A 29 -1.60 0.54 4.49
N HIS A 30 -2.12 1.70 4.75
CA HIS A 30 -3.21 1.83 5.74
C HIS A 30 -4.57 1.61 5.06
N PRO A 31 -5.45 0.95 5.77
CA PRO A 31 -6.81 0.67 5.24
C PRO A 31 -7.65 1.95 5.21
N GLN A 32 -7.60 2.68 4.13
CA GLN A 32 -8.39 3.94 4.04
C GLN A 32 -8.34 4.50 2.62
N TRP A 1 -3.27 -13.10 -5.89
CA TRP A 1 -4.36 -12.91 -6.89
C TRP A 1 -4.66 -11.41 -7.04
N LEU A 2 -3.71 -10.66 -7.49
CA LEU A 2 -3.92 -9.19 -7.67
C LEU A 2 -2.59 -8.49 -7.96
N GLY A 3 -1.62 -8.70 -7.13
CA GLY A 3 -0.30 -8.05 -7.34
C GLY A 3 -0.36 -6.61 -6.82
N CYS A 4 -0.49 -6.44 -5.53
CA CYS A 4 -0.56 -5.06 -4.96
C CYS A 4 -0.12 -5.09 -3.50
N ALA A 5 0.03 -3.94 -2.88
CA ALA A 5 0.44 -3.92 -1.45
C ALA A 5 -0.78 -4.10 -0.55
N ARG A 6 -0.70 -5.01 0.38
CA ARG A 6 -1.86 -5.25 1.29
C ARG A 6 -1.82 -4.26 2.47
N VAL A 7 -2.53 -4.56 3.52
CA VAL A 7 -2.54 -3.65 4.70
C VAL A 7 -1.41 -4.05 5.65
N LYS A 8 -0.19 -3.92 5.22
CA LYS A 8 0.96 -4.27 6.08
C LYS A 8 2.27 -4.15 5.31
N GLU A 9 2.24 -4.20 4.01
CA GLU A 9 3.49 -4.09 3.21
C GLU A 9 3.92 -2.63 3.11
N ALA A 10 5.18 -2.40 3.26
CA ALA A 10 5.70 -1.01 3.20
C ALA A 10 5.49 -0.41 1.80
N CYS A 11 4.66 0.60 1.71
CA CYS A 11 4.41 1.24 0.38
C CYS A 11 4.99 2.66 0.37
N GLY A 12 4.80 3.39 -0.69
CA GLY A 12 5.33 4.77 -0.75
C GLY A 12 5.41 5.22 -2.21
N PRO A 13 5.94 6.40 -2.40
CA PRO A 13 6.07 6.97 -3.77
C PRO A 13 7.18 6.26 -4.54
N TRP A 14 7.91 5.40 -3.89
CA TRP A 14 9.01 4.68 -4.59
C TRP A 14 9.20 3.27 -4.01
N GLU A 15 8.25 2.81 -3.23
CA GLU A 15 8.38 1.45 -2.63
C GLU A 15 7.47 0.46 -3.38
N TRP A 16 6.19 0.57 -3.22
CA TRP A 16 5.27 -0.36 -3.93
C TRP A 16 3.89 0.27 -4.06
N PRO A 17 3.13 -0.24 -4.99
CA PRO A 17 1.75 0.26 -5.23
C PRO A 17 0.83 -0.19 -4.10
N CYS A 18 -0.46 -0.18 -4.34
CA CYS A 18 -1.42 -0.60 -3.28
C CYS A 18 -2.79 -0.90 -3.91
N CYS A 19 -3.38 -2.01 -3.56
CA CYS A 19 -4.72 -2.35 -4.13
C CYS A 19 -5.69 -1.17 -3.95
N SER A 20 -6.93 -1.37 -4.28
CA SER A 20 -7.92 -0.26 -4.12
C SER A 20 -8.50 -0.29 -2.70
N GLY A 21 -8.90 0.85 -2.19
CA GLY A 21 -9.48 0.88 -0.81
C GLY A 21 -8.34 1.03 0.20
N LEU A 22 -7.16 1.34 -0.24
CA LEU A 22 -6.02 1.50 0.70
C LEU A 22 -5.27 2.79 0.41
N LYS A 23 -4.41 3.20 1.30
CA LYS A 23 -3.66 4.46 1.06
C LYS A 23 -2.40 4.50 1.94
N CYS A 24 -1.25 4.54 1.34
CA CYS A 24 0.02 4.58 2.13
C CYS A 24 -0.03 5.76 3.10
N ASP A 25 -0.05 5.49 4.38
CA ASP A 25 -0.08 6.62 5.37
C ASP A 25 1.30 7.22 5.54
N GLY A 26 2.30 6.61 4.96
CA GLY A 26 3.69 7.14 5.09
C GLY A 26 4.68 5.99 5.22
N SER A 27 4.20 4.81 5.48
CA SER A 27 5.14 3.65 5.63
C SER A 27 4.46 2.35 5.18
N GLU A 28 3.35 2.02 5.75
CA GLU A 28 2.65 0.76 5.36
C GLU A 28 1.27 1.06 4.76
N CYS A 29 0.91 0.40 3.69
CA CYS A 29 -0.42 0.65 3.08
C CYS A 29 -1.52 0.51 4.13
N HIS A 30 -2.21 1.58 4.44
CA HIS A 30 -3.29 1.49 5.46
C HIS A 30 -4.63 1.16 4.78
N PRO A 31 -5.60 0.85 5.60
CA PRO A 31 -6.95 0.52 5.09
C PRO A 31 -7.71 1.78 4.69
N GLN A 32 -7.05 2.91 4.67
CA GLN A 32 -7.73 4.18 4.30
C GLN A 32 -6.71 5.31 4.16
N TRP A 1 -6.34 -10.80 -11.26
CA TRP A 1 -5.70 -10.61 -9.93
C TRP A 1 -4.90 -9.30 -9.91
N LEU A 2 -4.83 -8.65 -8.78
CA LEU A 2 -4.08 -7.37 -8.70
C LEU A 2 -2.84 -7.53 -7.81
N GLY A 3 -1.69 -7.16 -8.29
CA GLY A 3 -0.46 -7.30 -7.48
C GLY A 3 -0.11 -5.95 -6.84
N CYS A 4 -0.34 -5.80 -5.56
CA CYS A 4 -0.04 -4.51 -4.90
C CYS A 4 0.12 -4.69 -3.39
N ALA A 5 0.53 -3.66 -2.70
CA ALA A 5 0.71 -3.76 -1.22
C ALA A 5 -0.64 -3.96 -0.53
N ARG A 6 -0.69 -4.85 0.43
CA ARG A 6 -1.99 -5.09 1.15
C ARG A 6 -2.10 -4.15 2.35
N VAL A 7 -2.90 -4.50 3.32
CA VAL A 7 -3.05 -3.62 4.51
C VAL A 7 -2.02 -3.99 5.58
N LYS A 8 -0.76 -4.02 5.21
CA LYS A 8 0.31 -4.38 6.17
C LYS A 8 1.62 -4.62 5.42
N GLU A 9 2.04 -3.68 4.63
CA GLU A 9 3.31 -3.85 3.87
C GLU A 9 3.88 -2.51 3.46
N ALA A 10 5.17 -2.39 3.58
CA ALA A 10 5.86 -1.13 3.20
C ALA A 10 5.33 -0.61 1.86
N CYS A 11 4.88 0.62 1.84
CA CYS A 11 4.35 1.19 0.57
C CYS A 11 5.05 2.51 0.23
N GLY A 12 4.73 3.09 -0.88
CA GLY A 12 5.38 4.37 -1.27
C GLY A 12 5.29 4.55 -2.80
N PRO A 13 5.42 5.78 -3.22
CA PRO A 13 5.34 6.10 -4.67
C PRO A 13 6.62 5.64 -5.39
N TRP A 14 7.60 5.18 -4.66
CA TRP A 14 8.86 4.72 -5.30
C TRP A 14 9.25 3.34 -4.78
N GLU A 15 8.40 2.74 -3.99
CA GLU A 15 8.71 1.39 -3.45
C GLU A 15 7.63 0.39 -3.86
N TRP A 16 6.42 0.61 -3.40
CA TRP A 16 5.32 -0.32 -3.77
C TRP A 16 3.98 0.42 -3.75
N PRO A 17 3.22 0.25 -4.80
CA PRO A 17 1.90 0.91 -4.91
C PRO A 17 0.93 0.29 -3.91
N CYS A 18 -0.17 0.96 -3.64
CA CYS A 18 -1.15 0.41 -2.66
C CYS A 18 -2.36 -0.18 -3.40
N CYS A 19 -2.83 -1.32 -2.96
CA CYS A 19 -4.02 -1.94 -3.62
C CYS A 19 -5.18 -0.95 -3.68
N SER A 20 -6.34 -1.42 -4.08
CA SER A 20 -7.52 -0.51 -4.15
C SER A 20 -8.24 -0.48 -2.79
N GLY A 21 -8.43 0.69 -2.25
CA GLY A 21 -9.12 0.79 -0.93
C GLY A 21 -8.08 1.04 0.16
N LEU A 22 -6.82 0.93 -0.17
CA LEU A 22 -5.76 1.15 0.86
C LEU A 22 -4.91 2.38 0.49
N LYS A 23 -4.49 3.13 1.45
CA LYS A 23 -3.66 4.33 1.15
C LYS A 23 -2.37 4.32 2.00
N CYS A 24 -1.23 4.36 1.36
CA CYS A 24 0.04 4.34 2.13
C CYS A 24 0.00 5.43 3.20
N ASP A 25 -0.23 5.07 4.43
CA ASP A 25 -0.29 6.10 5.51
C ASP A 25 1.12 6.39 6.06
N GLY A 26 2.03 6.73 5.19
CA GLY A 26 3.42 7.02 5.67
C GLY A 26 4.38 5.94 5.17
N SER A 27 4.23 4.73 5.63
CA SER A 27 5.14 3.65 5.17
C SER A 27 4.43 2.29 5.17
N GLU A 28 3.13 2.28 5.36
CA GLU A 28 2.40 0.97 5.37
C GLU A 28 1.00 1.15 4.80
N CYS A 29 0.67 0.40 3.77
CA CYS A 29 -0.69 0.52 3.19
C CYS A 29 -1.77 0.32 4.26
N HIS A 30 -2.43 1.38 4.65
CA HIS A 30 -3.49 1.23 5.70
C HIS A 30 -4.87 1.13 5.07
N PRO A 31 -5.81 0.66 5.85
CA PRO A 31 -7.20 0.49 5.37
C PRO A 31 -7.90 1.86 5.26
N GLN A 32 -7.80 2.49 4.11
CA GLN A 32 -8.45 3.83 3.87
C GLN A 32 -8.74 4.56 5.18
N TRP A 1 -6.31 -6.20 -0.07
CA TRP A 1 -7.04 -7.45 0.30
C TRP A 1 -7.53 -8.17 -0.94
N LEU A 2 -6.64 -8.76 -1.69
CA LEU A 2 -7.05 -9.48 -2.93
C LEU A 2 -5.83 -9.94 -3.72
N GLY A 3 -4.73 -9.25 -3.58
CA GLY A 3 -3.49 -9.63 -4.32
C GLY A 3 -2.63 -8.39 -4.55
N CYS A 4 -2.43 -7.62 -3.53
CA CYS A 4 -1.61 -6.38 -3.67
C CYS A 4 -1.12 -5.93 -2.30
N ALA A 5 -0.60 -4.73 -2.21
CA ALA A 5 -0.11 -4.25 -0.88
C ALA A 5 -1.26 -4.21 0.11
N ARG A 6 -1.34 -5.18 0.98
CA ARG A 6 -2.45 -5.19 1.99
C ARG A 6 -2.13 -4.24 3.14
N VAL A 7 -2.67 -4.50 4.31
CA VAL A 7 -2.40 -3.61 5.47
C VAL A 7 -1.16 -4.10 6.23
N LYS A 8 -0.04 -4.14 5.58
CA LYS A 8 1.21 -4.59 6.24
C LYS A 8 2.35 -4.63 5.22
N GLU A 9 2.35 -3.74 4.27
CA GLU A 9 3.44 -3.74 3.26
C GLU A 9 4.06 -2.35 3.15
N ALA A 10 5.35 -2.31 3.20
CA ALA A 10 6.07 -1.02 3.13
C ALA A 10 5.86 -0.36 1.75
N CYS A 11 4.92 0.54 1.65
CA CYS A 11 4.68 1.21 0.34
C CYS A 11 5.12 2.68 0.41
N GLY A 12 6.35 2.96 0.07
CA GLY A 12 6.85 4.36 0.12
C GLY A 12 5.98 5.26 -0.76
N PRO A 13 6.55 6.35 -1.16
CA PRO A 13 5.82 7.33 -2.02
C PRO A 13 5.62 6.76 -3.42
N TRP A 14 6.48 5.87 -3.85
CA TRP A 14 6.34 5.29 -5.20
C TRP A 14 7.12 3.97 -5.30
N GLU A 15 7.16 3.23 -4.23
CA GLU A 15 7.89 1.92 -4.26
C GLU A 15 7.02 0.86 -4.94
N TRP A 16 6.01 0.40 -4.25
CA TRP A 16 5.12 -0.62 -4.85
C TRP A 16 3.70 -0.07 -4.98
N PRO A 17 3.04 -0.48 -6.04
CA PRO A 17 1.66 -0.02 -6.30
C PRO A 17 0.69 -0.64 -5.28
N CYS A 18 0.32 0.11 -4.28
CA CYS A 18 -0.62 -0.42 -3.25
C CYS A 18 -1.96 -0.80 -3.90
N CYS A 19 -2.79 -1.52 -3.20
CA CYS A 19 -4.11 -1.91 -3.77
C CYS A 19 -4.85 -0.67 -4.28
N SER A 20 -6.10 -0.81 -4.62
CA SER A 20 -6.87 0.36 -5.11
C SER A 20 -7.55 1.07 -3.95
N GLY A 21 -8.13 0.32 -3.06
CA GLY A 21 -8.80 0.95 -1.89
C GLY A 21 -7.79 1.06 -0.75
N LEU A 22 -6.53 1.17 -1.06
CA LEU A 22 -5.50 1.27 0.02
C LEU A 22 -4.53 2.43 -0.26
N LYS A 23 -4.16 3.14 0.77
CA LYS A 23 -3.20 4.26 0.58
C LYS A 23 -1.95 4.01 1.45
N CYS A 24 -1.08 4.97 1.57
CA CYS A 24 0.14 4.76 2.40
C CYS A 24 0.22 5.82 3.50
N ASP A 25 -0.13 5.47 4.70
CA ASP A 25 -0.08 6.46 5.81
C ASP A 25 1.34 6.52 6.39
N GLY A 26 2.28 6.99 5.62
CA GLY A 26 3.68 7.07 6.12
C GLY A 26 4.53 6.04 5.38
N SER A 27 4.31 4.78 5.65
CA SER A 27 5.10 3.72 4.96
C SER A 27 4.36 2.38 4.97
N GLU A 28 3.10 2.37 5.34
CA GLU A 28 2.35 1.08 5.35
C GLU A 28 1.03 1.23 4.60
N CYS A 29 0.71 0.30 3.74
CA CYS A 29 -0.56 0.39 2.96
C CYS A 29 -1.77 0.34 3.91
N HIS A 30 -2.29 1.46 4.29
CA HIS A 30 -3.47 1.47 5.21
C HIS A 30 -4.77 1.40 4.40
N PRO A 31 -5.86 1.22 5.10
CA PRO A 31 -7.18 1.15 4.45
C PRO A 31 -7.65 2.55 4.03
N GLN A 32 -7.76 2.79 2.75
CA GLN A 32 -8.20 4.14 2.29
C GLN A 32 -7.28 5.23 2.83
N TRP A 1 7.25 -12.33 -7.45
CA TRP A 1 6.34 -11.25 -7.94
C TRP A 1 5.36 -10.84 -6.83
N LEU A 2 5.32 -9.57 -6.52
CA LEU A 2 4.39 -9.11 -5.45
C LEU A 2 3.23 -8.33 -6.05
N GLY A 3 2.02 -8.69 -5.72
CA GLY A 3 0.85 -7.97 -6.29
C GLY A 3 0.87 -6.51 -5.82
N CYS A 4 0.12 -6.19 -4.80
CA CYS A 4 0.10 -4.79 -4.30
C CYS A 4 0.33 -4.77 -2.78
N ALA A 5 0.51 -3.61 -2.22
CA ALA A 5 0.74 -3.53 -0.75
C ALA A 5 -0.61 -3.53 0.00
N ARG A 6 -0.88 -4.59 0.71
CA ARG A 6 -2.18 -4.66 1.46
C ARG A 6 -2.08 -3.84 2.76
N VAL A 7 -2.81 -4.23 3.77
CA VAL A 7 -2.75 -3.48 5.07
C VAL A 7 -1.57 -3.94 5.91
N LYS A 8 -0.40 -4.01 5.32
CA LYS A 8 0.81 -4.43 6.08
C LYS A 8 2.00 -4.58 5.12
N GLU A 9 2.07 -3.75 4.12
CA GLU A 9 3.19 -3.83 3.15
C GLU A 9 3.77 -2.45 2.90
N ALA A 10 5.06 -2.39 2.81
CA ALA A 10 5.73 -1.08 2.57
C ALA A 10 5.47 -0.60 1.14
N CYS A 11 4.66 0.42 0.99
CA CYS A 11 4.36 0.94 -0.37
C CYS A 11 5.43 1.95 -0.80
N GLY A 12 6.14 2.51 0.13
CA GLY A 12 7.21 3.49 -0.22
C GLY A 12 6.61 4.60 -1.09
N PRO A 13 7.39 5.63 -1.29
CA PRO A 13 6.94 6.78 -2.12
C PRO A 13 6.91 6.40 -3.60
N TRP A 14 7.63 5.37 -3.97
CA TRP A 14 7.65 4.95 -5.41
C TRP A 14 7.81 3.44 -5.51
N GLU A 15 7.45 2.72 -4.49
CA GLU A 15 7.58 1.23 -4.54
C GLU A 15 6.27 0.60 -5.00
N TRP A 16 6.07 -0.66 -4.72
CA TRP A 16 4.81 -1.33 -5.16
C TRP A 16 3.61 -0.42 -4.93
N PRO A 17 2.70 -0.45 -5.85
CA PRO A 17 1.48 0.39 -5.76
C PRO A 17 0.52 -0.19 -4.71
N CYS A 18 0.05 0.62 -3.79
CA CYS A 18 -0.89 0.11 -2.75
C CYS A 18 -2.13 -0.49 -3.40
N CYS A 19 -2.61 -1.59 -2.88
CA CYS A 19 -3.82 -2.22 -3.48
C CYS A 19 -4.91 -1.17 -3.71
N SER A 20 -6.00 -1.55 -4.32
CA SER A 20 -7.09 -0.57 -4.57
C SER A 20 -7.97 -0.42 -3.32
N GLY A 21 -8.01 0.75 -2.75
CA GLY A 21 -8.82 0.96 -1.52
C GLY A 21 -7.91 1.10 -0.31
N LEU A 22 -6.62 1.05 -0.52
CA LEU A 22 -5.67 1.18 0.63
C LEU A 22 -4.84 2.46 0.49
N LYS A 23 -4.85 3.30 1.49
CA LYS A 23 -4.07 4.56 1.41
C LYS A 23 -2.90 4.52 2.40
N CYS A 24 -1.69 4.48 1.90
CA CYS A 24 -0.50 4.44 2.82
C CYS A 24 -0.51 5.67 3.73
N ASP A 25 -0.67 5.46 5.01
CA ASP A 25 -0.69 6.62 5.95
C ASP A 25 0.73 6.95 6.41
N GLY A 26 1.67 6.99 5.50
CA GLY A 26 3.07 7.31 5.89
C GLY A 26 4.02 6.32 5.21
N SER A 27 3.79 5.04 5.37
CA SER A 27 4.67 4.04 4.73
C SER A 27 3.94 2.70 4.59
N GLU A 28 3.24 2.28 5.60
CA GLU A 28 2.51 1.00 5.52
C GLU A 28 1.10 1.22 4.97
N CYS A 29 0.76 0.55 3.89
CA CYS A 29 -0.60 0.73 3.31
C CYS A 29 -1.67 0.58 4.39
N HIS A 30 -2.54 1.55 4.54
CA HIS A 30 -3.60 1.45 5.56
C HIS A 30 -4.98 1.42 4.89
N PRO A 31 -5.99 1.22 5.71
CA PRO A 31 -7.38 1.17 5.18
C PRO A 31 -7.86 2.57 4.79
N GLN A 32 -8.57 2.67 3.70
CA GLN A 32 -9.07 4.01 3.27
C GLN A 32 -9.81 4.69 4.41
N TRP A 1 -7.08 -11.74 -7.35
CA TRP A 1 -5.82 -12.01 -6.63
C TRP A 1 -5.23 -10.71 -6.08
N LEU A 2 -4.29 -10.80 -5.18
CA LEU A 2 -3.70 -9.56 -4.60
C LEU A 2 -2.93 -8.80 -5.69
N GLY A 3 -1.68 -9.09 -5.88
CA GLY A 3 -0.89 -8.38 -6.92
C GLY A 3 -0.63 -6.94 -6.49
N CYS A 4 -0.83 -6.64 -5.24
CA CYS A 4 -0.60 -5.24 -4.77
C CYS A 4 -0.28 -5.24 -3.27
N ALA A 5 0.36 -4.21 -2.80
CA ALA A 5 0.71 -4.15 -1.35
C ALA A 5 -0.52 -4.48 -0.50
N ARG A 6 -0.32 -4.98 0.69
CA ARG A 6 -1.47 -5.33 1.57
C ARG A 6 -1.59 -4.32 2.72
N VAL A 7 -2.38 -4.64 3.72
CA VAL A 7 -2.54 -3.72 4.87
C VAL A 7 -1.51 -4.05 5.95
N LYS A 8 -0.25 -3.91 5.62
CA LYS A 8 0.81 -4.21 6.61
C LYS A 8 2.20 -3.93 6.00
N GLU A 9 2.34 -4.08 4.71
CA GLU A 9 3.65 -3.80 4.07
C GLU A 9 3.86 -2.31 3.89
N ALA A 10 5.09 -1.89 3.86
CA ALA A 10 5.40 -0.45 3.71
C ALA A 10 5.54 -0.09 2.23
N CYS A 11 4.86 0.93 1.79
CA CYS A 11 4.96 1.33 0.35
C CYS A 11 5.68 2.67 0.22
N GLY A 12 6.56 2.80 -0.73
CA GLY A 12 7.29 4.09 -0.92
C GLY A 12 6.72 4.83 -2.13
N PRO A 13 7.42 5.84 -2.54
CA PRO A 13 6.98 6.65 -3.71
C PRO A 13 7.15 5.86 -5.01
N TRP A 14 8.35 5.41 -5.29
CA TRP A 14 8.56 4.63 -6.54
C TRP A 14 8.75 3.15 -6.22
N GLU A 15 7.92 2.61 -5.36
CA GLU A 15 8.05 1.17 -5.00
C GLU A 15 6.96 0.35 -5.68
N TRP A 16 5.82 0.22 -5.05
CA TRP A 16 4.71 -0.57 -5.66
C TRP A 16 3.36 0.02 -5.25
N PRO A 17 2.45 0.00 -6.19
CA PRO A 17 1.09 0.55 -5.94
C PRO A 17 0.30 -0.36 -5.00
N CYS A 18 -0.33 0.20 -4.00
CA CYS A 18 -1.12 -0.63 -3.05
C CYS A 18 -2.47 -1.02 -3.67
N CYS A 19 -3.07 -2.08 -3.22
CA CYS A 19 -4.38 -2.49 -3.80
C CYS A 19 -5.33 -1.29 -3.82
N SER A 20 -6.12 -1.16 -4.85
CA SER A 20 -7.06 0.00 -4.92
C SER A 20 -8.00 -0.01 -3.72
N GLY A 21 -8.00 1.04 -2.95
CA GLY A 21 -8.89 1.11 -1.77
C GLY A 21 -8.04 1.24 -0.50
N LEU A 22 -6.81 1.64 -0.65
CA LEU A 22 -5.93 1.79 0.54
C LEU A 22 -5.12 3.08 0.45
N LYS A 23 -4.42 3.42 1.50
CA LYS A 23 -3.61 4.67 1.48
C LYS A 23 -2.46 4.56 2.48
N CYS A 24 -1.24 4.54 2.01
CA CYS A 24 -0.09 4.44 2.94
C CYS A 24 -0.19 5.55 3.99
N ASP A 25 -0.84 5.26 5.10
CA ASP A 25 -0.98 6.29 6.16
C ASP A 25 0.29 6.39 6.99
N GLY A 26 1.31 6.99 6.46
CA GLY A 26 2.59 7.13 7.22
C GLY A 26 3.66 6.24 6.56
N SER A 27 3.42 4.96 6.51
CA SER A 27 4.42 4.05 5.89
C SER A 27 3.76 2.73 5.50
N GLU A 28 2.83 2.27 6.30
CA GLU A 28 2.15 0.99 5.97
C GLU A 28 0.82 1.26 5.26
N CYS A 29 0.42 0.37 4.39
CA CYS A 29 -0.87 0.57 3.67
C CYS A 29 -2.05 0.41 4.63
N HIS A 30 -2.87 1.42 4.74
CA HIS A 30 -4.04 1.33 5.66
C HIS A 30 -5.36 1.38 4.87
N PRO A 31 -6.43 1.12 5.55
CA PRO A 31 -7.77 1.14 4.92
C PRO A 31 -8.21 2.59 4.68
N GLN A 32 -9.02 2.82 3.68
CA GLN A 32 -9.49 4.21 3.41
C GLN A 32 -9.85 4.91 4.70
N TRP A 1 6.31 -7.87 -6.75
CA TRP A 1 5.00 -8.23 -6.11
C TRP A 1 4.12 -8.99 -7.11
N LEU A 2 3.24 -9.82 -6.63
CA LEU A 2 2.35 -10.58 -7.54
C LEU A 2 1.20 -9.69 -8.02
N GLY A 3 0.64 -8.91 -7.15
CA GLY A 3 -0.48 -8.02 -7.56
C GLY A 3 -0.28 -6.63 -6.95
N CYS A 4 -0.55 -6.48 -5.68
CA CYS A 4 -0.38 -5.16 -5.03
C CYS A 4 -0.11 -5.34 -3.54
N ALA A 5 0.48 -4.35 -2.90
CA ALA A 5 0.76 -4.46 -1.45
C ALA A 5 -0.55 -4.59 -0.65
N ARG A 6 -0.56 -5.39 0.36
CA ARG A 6 -1.81 -5.55 1.16
C ARG A 6 -1.91 -4.44 2.21
N VAL A 7 -2.89 -4.51 3.07
CA VAL A 7 -3.05 -3.45 4.10
C VAL A 7 -2.18 -3.77 5.32
N LYS A 8 -0.91 -3.95 5.13
CA LYS A 8 0.00 -4.26 6.25
C LYS A 8 1.43 -4.41 5.74
N GLU A 9 1.78 -3.67 4.72
CA GLU A 9 3.17 -3.76 4.17
C GLU A 9 3.73 -2.36 3.94
N ALA A 10 4.99 -2.20 4.22
CA ALA A 10 5.65 -0.89 4.04
C ALA A 10 5.72 -0.51 2.56
N CYS A 11 5.05 0.54 2.17
CA CYS A 11 5.08 0.95 0.74
C CYS A 11 5.46 2.43 0.63
N GLY A 12 5.96 2.85 -0.49
CA GLY A 12 6.33 4.29 -0.65
C GLY A 12 5.42 4.94 -1.69
N PRO A 13 5.96 5.92 -2.37
CA PRO A 13 5.19 6.64 -3.41
C PRO A 13 4.98 5.76 -4.64
N TRP A 14 5.89 5.82 -5.58
CA TRP A 14 5.75 4.96 -6.80
C TRP A 14 6.31 3.57 -6.54
N GLU A 15 6.88 3.35 -5.39
CA GLU A 15 7.45 2.02 -5.07
C GLU A 15 6.37 1.11 -4.47
N TRP A 16 6.31 -0.13 -4.89
CA TRP A 16 5.27 -1.05 -4.35
C TRP A 16 3.90 -0.39 -4.40
N PRO A 17 3.22 -0.58 -5.50
CA PRO A 17 1.86 0.00 -5.68
C PRO A 17 0.84 -0.73 -4.80
N CYS A 18 0.43 -0.12 -3.73
CA CYS A 18 -0.56 -0.78 -2.83
C CYS A 18 -1.85 -1.09 -3.60
N CYS A 19 -2.60 -2.07 -3.17
CA CYS A 19 -3.86 -2.42 -3.88
C CYS A 19 -4.75 -1.19 -4.01
N SER A 20 -5.93 -1.36 -4.55
CA SER A 20 -6.86 -0.20 -4.71
C SER A 20 -7.64 0.03 -3.42
N GLY A 21 -7.85 1.26 -3.04
CA GLY A 21 -8.60 1.54 -1.79
C GLY A 21 -7.63 1.59 -0.61
N LEU A 22 -6.35 1.63 -0.89
CA LEU A 22 -5.34 1.66 0.22
C LEU A 22 -4.36 2.80 -0.01
N LYS A 23 -3.97 3.48 1.04
CA LYS A 23 -3.00 4.61 0.88
C LYS A 23 -1.99 4.59 2.03
N CYS A 24 -0.73 4.46 1.71
CA CYS A 24 0.30 4.44 2.78
C CYS A 24 0.31 5.77 3.54
N ASP A 25 0.09 5.74 4.82
CA ASP A 25 0.09 7.01 5.60
C ASP A 25 1.51 7.46 5.90
N GLY A 26 2.19 6.78 6.78
CA GLY A 26 3.59 7.17 7.11
C GLY A 26 4.53 6.04 6.69
N SER A 27 4.04 4.83 6.63
CA SER A 27 4.92 3.70 6.22
C SER A 27 4.07 2.51 5.75
N GLU A 28 3.30 1.95 6.63
CA GLU A 28 2.44 0.79 6.25
C GLU A 28 1.19 1.26 5.51
N CYS A 29 0.72 0.49 4.56
CA CYS A 29 -0.50 0.89 3.81
C CYS A 29 -1.69 1.00 4.76
N HIS A 30 -2.49 2.03 4.62
CA HIS A 30 -3.66 2.19 5.53
C HIS A 30 -4.97 1.95 4.75
N PRO A 31 -5.81 1.14 5.32
CA PRO A 31 -7.12 0.83 4.67
C PRO A 31 -8.08 2.01 4.81
N GLN A 32 -7.93 3.02 4.01
CA GLN A 32 -8.83 4.20 4.10
C GLN A 32 -8.99 4.62 5.56
N TRP A 1 -0.01 -3.03 -9.66
CA TRP A 1 0.23 -4.20 -10.56
C TRP A 1 -0.08 -5.50 -9.83
N LEU A 2 0.12 -6.61 -10.48
CA LEU A 2 -0.16 -7.94 -9.87
C LEU A 2 0.11 -7.93 -8.37
N GLY A 3 1.36 -7.91 -7.99
CA GLY A 3 1.70 -7.90 -6.54
C GLY A 3 1.60 -6.48 -5.99
N CYS A 4 0.54 -6.17 -5.29
CA CYS A 4 0.41 -4.80 -4.71
C CYS A 4 0.69 -4.85 -3.21
N ALA A 5 0.25 -3.88 -2.46
CA ALA A 5 0.51 -3.88 -1.00
C ALA A 5 -0.79 -3.95 -0.20
N ARG A 6 -0.95 -4.96 0.61
CA ARG A 6 -2.19 -5.08 1.43
C ARG A 6 -2.07 -4.22 2.70
N VAL A 7 -2.82 -4.55 3.71
CA VAL A 7 -2.77 -3.76 4.97
C VAL A 7 -1.69 -4.33 5.90
N LYS A 8 -0.46 -4.33 5.46
CA LYS A 8 0.63 -4.86 6.30
C LYS A 8 1.93 -4.91 5.49
N GLU A 9 2.12 -3.96 4.62
CA GLU A 9 3.36 -3.94 3.79
C GLU A 9 3.90 -2.52 3.69
N ALA A 10 5.16 -2.40 3.39
CA ALA A 10 5.78 -1.07 3.28
C ALA A 10 5.55 -0.48 1.88
N CYS A 11 4.75 0.55 1.79
CA CYS A 11 4.48 1.16 0.47
C CYS A 11 5.07 2.58 0.41
N GLY A 12 5.47 3.02 -0.75
CA GLY A 12 6.04 4.39 -0.87
C GLY A 12 5.52 5.08 -2.13
N PRO A 13 6.40 5.74 -2.82
CA PRO A 13 6.02 6.45 -4.07
C PRO A 13 5.75 5.46 -5.20
N TRP A 14 6.75 5.14 -5.99
CA TRP A 14 6.54 4.19 -7.10
C TRP A 14 7.21 2.84 -6.79
N GLU A 15 7.63 2.66 -5.57
CA GLU A 15 8.29 1.37 -5.22
C GLU A 15 7.24 0.30 -4.96
N TRP A 16 6.39 0.52 -4.00
CA TRP A 16 5.33 -0.48 -3.70
C TRP A 16 3.96 0.20 -3.73
N PRO A 17 3.33 0.13 -4.87
CA PRO A 17 1.99 0.75 -5.05
C PRO A 17 0.93 -0.05 -4.29
N CYS A 18 0.31 0.56 -3.31
CA CYS A 18 -0.74 -0.16 -2.54
C CYS A 18 -1.84 -0.67 -3.47
N CYS A 19 -2.74 -1.47 -2.96
CA CYS A 19 -3.84 -2.00 -3.82
C CYS A 19 -5.02 -1.02 -3.82
N SER A 20 -5.69 -0.87 -4.92
CA SER A 20 -6.85 0.07 -4.96
C SER A 20 -7.70 -0.09 -3.70
N GLY A 21 -8.10 0.99 -3.09
CA GLY A 21 -8.93 0.89 -1.86
C GLY A 21 -8.03 1.03 -0.63
N LEU A 22 -6.89 1.66 -0.79
CA LEU A 22 -5.97 1.82 0.38
C LEU A 22 -5.36 3.22 0.39
N LYS A 23 -4.49 3.47 1.31
CA LYS A 23 -3.85 4.81 1.40
C LYS A 23 -2.52 4.70 2.15
N CYS A 24 -1.44 4.61 1.42
CA CYS A 24 -0.10 4.49 2.08
C CYS A 24 0.09 5.62 3.09
N ASP A 25 -0.15 5.37 4.35
CA ASP A 25 0.03 6.45 5.37
C ASP A 25 1.50 6.60 5.73
N GLY A 26 1.83 6.71 7.00
CA GLY A 26 3.25 6.85 7.40
C GLY A 26 4.14 5.92 6.57
N SER A 27 3.82 4.66 6.56
CA SER A 27 4.64 3.70 5.76
C SER A 27 3.84 2.43 5.48
N GLU A 28 3.09 1.97 6.43
CA GLU A 28 2.28 0.74 6.22
C GLU A 28 0.97 1.09 5.52
N CYS A 29 0.63 0.38 4.47
CA CYS A 29 -0.63 0.68 3.74
C CYS A 29 -1.80 0.69 4.72
N HIS A 30 -2.61 1.73 4.69
CA HIS A 30 -3.77 1.79 5.62
C HIS A 30 -5.09 1.76 4.83
N PRO A 31 -6.12 1.28 5.48
CA PRO A 31 -7.45 1.19 4.85
C PRO A 31 -8.05 2.60 4.69
N GLN A 32 -8.55 2.91 3.53
CA GLN A 32 -9.15 4.26 3.31
C GLN A 32 -10.65 4.13 3.00
#